data_7QNN
#
_entry.id   7QNN
#
_cell.length_a   54.364
_cell.length_b   120.020
_cell.length_c   145.615
_cell.angle_alpha   90.000
_cell.angle_beta   90.000
_cell.angle_gamma   90.000
#
_symmetry.space_group_name_H-M   'C 2 2 21'
#
loop_
_entity.id
_entity.type
_entity.pdbx_description
1 polymer 'Steroid C26-monooxygenase'
2 non-polymer 'PROTOPORPHYRIN IX CONTAINING FE'
3 non-polymer 'ethyl 1-(cyclopentylmethyl)-5-pyridin-4-yl-indole-2-carboxylate'
4 water water
#
_entity_poly.entity_id   1
_entity_poly.type   'polypeptide(L)'
_entity_poly.pdbx_seq_one_letter_code
;NGPSPNLPPGFDFTDPAIYAERLPVAEFAELRSAAPIWWNGQDPGKGGGFHDGGFWAITKLNDVKEISRHSDVFSSYENG
VIPRFKNDIAREDIEVQRFVMLNMDAPHHTRLRKIISRGFTPRAVGRLHDELQERAQAIAAEAAAAGSGDFVEQVSCELP
LQAIAGLLGVPQEDRGKLFHWSNEMTGNEDPEYAHIDPKASSAELIGYAMKMAEEKAKNPADDIVTQLIQADIDGEKLSD
DEFGFFVVMLAVAGNETTRNSITQGMMAFAEHPDQWELYKKVRPETAADEIVRWATPVTAFQRTALRDYELSGVQIAAGQ
RVVMFYRSANFDEEVFQDPFTFNILRNPNPHVGFGGTGAHYCIGANLARMTINLIFNAVADHMPDLKPISAPERLRSGWL
NGIKHWQVDYTGRCPVAH
;
_entity_poly.pdbx_strand_id   A
#
# COMPACT_ATOMS: atom_id res chain seq x y z
N SER A 4 -0.04 6.73 32.59
CA SER A 4 0.52 6.09 31.40
C SER A 4 -0.52 5.23 30.70
N PRO A 5 -0.43 5.13 29.37
CA PRO A 5 -1.27 4.17 28.66
C PRO A 5 -0.93 2.75 29.09
N ASN A 6 -1.96 1.92 29.23
CA ASN A 6 -1.78 0.55 29.70
C ASN A 6 -1.27 -0.26 28.50
N LEU A 7 0.03 -0.53 28.49
CA LEU A 7 0.71 -1.28 27.44
C LEU A 7 1.88 -2.01 28.08
N PRO A 8 2.20 -3.22 27.62
CA PRO A 8 3.34 -3.93 28.21
C PRO A 8 4.60 -3.13 28.09
N PRO A 9 5.57 -3.33 28.99
CA PRO A 9 6.90 -2.76 28.79
C PRO A 9 7.59 -3.45 27.62
N GLY A 10 8.43 -2.69 26.93
CA GLY A 10 9.03 -3.23 25.72
C GLY A 10 8.07 -3.43 24.57
N PHE A 11 6.91 -2.78 24.60
CA PHE A 11 5.98 -2.87 23.48
C PHE A 11 6.42 -1.96 22.34
N ASP A 12 6.38 -2.50 21.13
CA ASP A 12 6.76 -1.79 19.92
C ASP A 12 5.63 -1.96 18.92
N PHE A 13 5.08 -0.85 18.43
CA PHE A 13 3.97 -0.94 17.49
C PHE A 13 4.42 -1.33 16.09
N THR A 14 5.72 -1.30 15.80
CA THR A 14 6.26 -1.75 14.52
C THR A 14 6.82 -3.16 14.60
N ASP A 15 6.63 -3.84 15.71
CA ASP A 15 7.11 -5.21 15.90
C ASP A 15 6.48 -6.15 14.87
N PRO A 16 7.27 -6.80 14.02
CA PRO A 16 6.69 -7.79 13.08
C PRO A 16 6.06 -8.99 13.78
N ALA A 17 6.48 -9.31 15.01
CA ALA A 17 5.93 -10.48 15.69
C ALA A 17 4.43 -10.34 15.92
N ILE A 18 3.97 -9.14 16.27
CA ILE A 18 2.53 -8.90 16.46
C ILE A 18 1.79 -9.16 15.16
N TYR A 19 2.23 -8.53 14.08
CA TYR A 19 1.46 -8.51 12.84
C TYR A 19 1.47 -9.87 12.13
N ALA A 20 2.41 -10.76 12.48
CA ALA A 20 2.32 -12.13 11.98
C ALA A 20 1.15 -12.86 12.62
N GLU A 21 0.74 -12.42 13.81
CA GLU A 21 -0.37 -12.98 14.56
C GLU A 21 -1.67 -12.23 14.30
N ARG A 22 -1.65 -10.91 14.42
CA ARG A 22 -2.86 -10.12 14.61
C ARG A 22 -2.55 -8.66 14.35
N LEU A 23 -3.62 -7.86 14.35
CA LEU A 23 -3.42 -6.42 14.41
C LEU A 23 -3.62 -5.93 15.84
N PRO A 24 -2.74 -5.06 16.33
CA PRO A 24 -2.83 -4.58 17.73
C PRO A 24 -3.91 -3.51 17.89
N VAL A 25 -5.16 -3.93 17.68
CA VAL A 25 -6.27 -2.97 17.61
C VAL A 25 -6.57 -2.40 19.00
N ALA A 26 -6.64 -3.28 20.01
CA ALA A 26 -6.85 -2.81 21.38
C ALA A 26 -5.75 -1.86 21.81
N GLU A 27 -4.51 -2.16 21.42
CA GLU A 27 -3.39 -1.30 21.80
C GLU A 27 -3.48 0.05 21.09
N PHE A 28 -3.89 0.06 19.82
CA PHE A 28 -4.12 1.32 19.12
C PHE A 28 -5.23 2.12 19.78
N ALA A 29 -6.34 1.44 20.12
CA ALA A 29 -7.45 2.10 20.80
C ALA A 29 -7.02 2.68 22.14
N GLU A 30 -6.17 1.95 22.88
CA GLU A 30 -5.68 2.44 24.16
C GLU A 30 -4.96 3.77 24.00
N LEU A 31 -4.10 3.88 22.97
CA LEU A 31 -3.33 5.10 22.79
C LEU A 31 -4.21 6.27 22.37
N ARG A 32 -5.08 6.06 21.38
CA ARG A 32 -6.03 7.10 20.98
C ARG A 32 -6.72 7.70 22.19
N SER A 33 -7.13 6.86 23.13
CA SER A 33 -7.82 7.33 24.32
C SER A 33 -6.85 7.98 25.30
N ALA A 34 -5.76 7.28 25.63
CA ALA A 34 -4.94 7.65 26.78
C ALA A 34 -3.67 8.39 26.41
N ALA A 35 -3.11 8.17 25.23
CA ALA A 35 -1.86 8.82 24.85
C ALA A 35 -1.75 8.90 23.33
N PRO A 36 -2.44 9.84 22.69
CA PRO A 36 -2.53 9.80 21.21
C PRO A 36 -1.18 9.95 20.53
N ILE A 37 -0.28 10.75 21.08
CA ILE A 37 1.10 10.84 20.62
C ILE A 37 1.97 10.31 21.75
N TRP A 38 2.71 9.23 21.48
CA TRP A 38 3.33 8.45 22.54
C TRP A 38 4.73 8.01 22.11
N TRP A 39 5.72 8.31 22.94
CA TRP A 39 7.08 7.86 22.65
C TRP A 39 7.17 6.35 22.74
N ASN A 40 7.42 5.70 21.61
CA ASN A 40 7.52 4.25 21.52
C ASN A 40 9.01 3.92 21.50
N GLY A 41 9.58 3.68 22.68
CA GLY A 41 10.98 3.35 22.77
C GLY A 41 11.28 1.98 22.20
N GLN A 42 12.53 1.79 21.80
CA GLN A 42 12.99 0.56 21.18
C GLN A 42 14.29 0.14 21.84
N ASP A 43 14.34 -1.11 22.32
CA ASP A 43 15.50 -1.68 22.96
C ASP A 43 16.73 -1.58 22.07
N PRO A 44 17.94 -1.60 22.63
CA PRO A 44 19.15 -1.59 21.80
C PRO A 44 19.16 -2.76 20.84
N GLY A 45 19.60 -2.48 19.62
CA GLY A 45 19.64 -3.48 18.56
C GLY A 45 18.30 -3.83 17.96
N LYS A 46 17.19 -3.39 18.56
CA LYS A 46 15.87 -3.78 18.09
C LYS A 46 15.13 -2.57 17.51
N GLY A 47 15.79 -1.85 16.61
CA GLY A 47 15.22 -0.63 16.06
C GLY A 47 14.77 -0.73 14.63
N GLY A 48 14.55 -1.95 14.15
CA GLY A 48 14.07 -2.18 12.79
C GLY A 48 14.93 -1.55 11.70
N GLY A 49 16.18 -1.23 12.04
CA GLY A 49 17.07 -0.55 11.12
C GLY A 49 17.44 0.86 11.54
N PHE A 50 16.88 1.40 12.62
CA PHE A 50 17.10 2.78 13.02
C PHE A 50 17.58 2.77 14.46
N HIS A 51 18.76 3.36 14.70
CA HIS A 51 19.44 3.23 15.98
C HIS A 51 19.28 4.49 16.84
N ASP A 52 18.10 5.11 16.80
CA ASP A 52 17.86 6.36 17.52
C ASP A 52 17.10 6.17 18.83
N GLY A 53 16.71 4.94 19.17
CA GLY A 53 16.09 4.65 20.44
C GLY A 53 14.58 4.51 20.40
N GLY A 54 13.92 5.03 19.38
CA GLY A 54 12.47 4.92 19.31
C GLY A 54 11.89 5.93 18.34
N PHE A 55 10.60 6.20 18.51
CA PHE A 55 9.86 7.10 17.64
C PHE A 55 8.58 7.51 18.35
N TRP A 56 7.88 8.48 17.75
CA TRP A 56 6.57 8.89 18.22
C TRP A 56 5.49 8.12 17.46
N ALA A 57 4.63 7.43 18.20
CA ALA A 57 3.44 6.85 17.60
C ALA A 57 2.40 7.94 17.37
N ILE A 58 1.81 7.95 16.18
CA ILE A 58 0.77 8.89 15.80
C ILE A 58 -0.48 8.07 15.52
N THR A 59 -1.50 8.22 16.38
CA THR A 59 -2.66 7.35 16.33
C THR A 59 -3.95 8.05 15.89
N LYS A 60 -3.97 9.38 15.87
CA LYS A 60 -5.17 10.13 15.53
C LYS A 60 -5.14 10.57 14.07
N LEU A 61 -6.31 10.56 13.43
CA LEU A 61 -6.39 10.89 12.01
C LEU A 61 -5.91 12.32 11.75
N ASN A 62 -6.38 13.27 12.55
CA ASN A 62 -6.01 14.67 12.36
C ASN A 62 -4.51 14.86 12.55
N ASP A 63 -3.91 14.11 13.48
CA ASP A 63 -2.46 14.17 13.67
C ASP A 63 -1.74 13.62 12.45
N VAL A 64 -2.23 12.52 11.89
CA VAL A 64 -1.69 11.99 10.64
C VAL A 64 -1.80 13.04 9.53
N LYS A 65 -2.94 13.72 9.46
CA LYS A 65 -3.16 14.68 8.39
C LYS A 65 -2.26 15.91 8.56
N GLU A 66 -2.04 16.36 9.79
CA GLU A 66 -1.11 17.47 10.02
C GLU A 66 0.29 17.11 9.52
N ILE A 67 0.78 15.94 9.90
CA ILE A 67 2.11 15.52 9.50
C ILE A 67 2.21 15.40 7.99
N SER A 68 1.17 14.84 7.36
CA SER A 68 1.26 14.57 5.92
C SER A 68 1.23 15.84 5.10
N ARG A 69 0.56 16.89 5.58
CA ARG A 69 0.53 18.14 4.81
C ARG A 69 1.74 19.02 5.11
N HIS A 70 2.31 18.92 6.30
CA HIS A 70 3.52 19.67 6.66
C HIS A 70 4.76 18.84 6.31
N SER A 71 4.92 18.57 5.01
CA SER A 71 6.10 17.90 4.51
C SER A 71 7.31 18.82 4.43
N ASP A 72 7.12 20.12 4.63
CA ASP A 72 8.26 21.02 4.78
C ASP A 72 9.01 20.75 6.08
N VAL A 73 8.32 20.24 7.10
CA VAL A 73 8.95 19.85 8.35
C VAL A 73 9.19 18.35 8.41
N PHE A 74 8.19 17.56 8.04
CA PHE A 74 8.20 16.11 8.23
C PHE A 74 8.69 15.45 6.94
N SER A 75 9.99 15.17 6.91
CA SER A 75 10.67 14.72 5.70
C SER A 75 10.47 13.23 5.48
N SER A 76 10.35 12.86 4.20
CA SER A 76 10.37 11.47 3.77
C SER A 76 11.76 11.01 3.35
N TYR A 77 12.59 11.95 2.89
CA TYR A 77 13.95 11.64 2.45
C TYR A 77 14.83 11.19 3.60
N GLU A 78 14.71 11.85 4.76
CA GLU A 78 15.74 11.79 5.79
C GLU A 78 15.98 10.37 6.27
N ASN A 79 14.91 9.59 6.46
CA ASN A 79 15.07 8.20 6.88
C ASN A 79 14.17 7.25 6.11
N GLY A 80 13.68 7.64 4.94
CA GLY A 80 12.68 6.85 4.24
C GLY A 80 11.37 6.90 4.99
N VAL A 81 10.38 6.22 4.42
CA VAL A 81 9.06 6.14 5.04
C VAL A 81 8.76 4.77 5.62
N ILE A 82 9.51 3.74 5.25
CA ILE A 82 9.30 2.40 5.82
C ILE A 82 9.83 2.38 7.24
N PRO A 83 9.00 2.11 8.24
CA PRO A 83 9.44 2.18 9.64
C PRO A 83 10.07 0.92 10.21
N ARG A 84 10.24 -0.13 9.41
CA ARG A 84 10.83 -1.36 9.94
C ARG A 84 11.48 -2.16 8.83
N PHE A 85 12.72 -2.57 9.07
CA PHE A 85 13.40 -3.59 8.29
C PHE A 85 13.89 -4.66 9.27
N LYS A 86 14.68 -5.61 8.76
CA LYS A 86 15.49 -6.43 9.63
C LYS A 86 16.35 -5.54 10.53
N ASN A 87 16.48 -5.93 11.79
CA ASN A 87 17.19 -5.09 12.75
C ASN A 87 18.61 -4.79 12.28
N ASP A 88 19.26 -5.76 11.62
CA ASP A 88 20.65 -5.59 11.25
C ASP A 88 20.85 -5.01 9.85
N ILE A 89 19.78 -4.48 9.24
CA ILE A 89 19.91 -3.93 7.89
C ILE A 89 20.96 -2.82 7.86
N ALA A 90 21.74 -2.79 6.79
CA ALA A 90 22.75 -1.75 6.64
C ALA A 90 22.08 -0.43 6.28
N ARG A 91 22.66 0.66 6.79
CA ARG A 91 22.15 2.00 6.47
C ARG A 91 22.12 2.23 4.97
N GLU A 92 23.09 1.66 4.25
CA GLU A 92 23.11 1.82 2.78
C GLU A 92 21.83 1.28 2.16
N ASP A 93 21.33 0.15 2.65
CA ASP A 93 20.16 -0.45 2.03
C ASP A 93 18.88 0.33 2.35
N ILE A 94 18.84 1.02 3.48
CA ILE A 94 17.74 1.94 3.73
C ILE A 94 17.78 3.10 2.74
N GLU A 95 18.98 3.64 2.48
CA GLU A 95 19.09 4.88 1.73
C GLU A 95 18.88 4.71 0.23
N VAL A 96 18.99 3.49 -0.30
CA VAL A 96 18.68 3.29 -1.72
C VAL A 96 17.21 3.56 -2.00
N GLN A 97 16.36 3.58 -0.96
CA GLN A 97 14.96 3.91 -1.13
C GLN A 97 14.78 5.31 -1.71
N ARG A 98 15.73 6.21 -1.46
CA ARG A 98 15.61 7.58 -1.91
C ARG A 98 15.62 7.71 -3.42
N PHE A 99 15.86 6.62 -4.15
CA PHE A 99 15.82 6.65 -5.60
C PHE A 99 14.40 6.65 -6.15
N VAL A 100 13.39 6.36 -5.32
CA VAL A 100 11.99 6.37 -5.74
C VAL A 100 11.31 7.59 -5.17
N MET A 101 10.37 8.15 -5.93
CA MET A 101 9.59 9.34 -5.58
C MET A 101 9.10 9.35 -4.14
N LEU A 102 8.66 8.17 -3.66
CA LEU A 102 8.04 8.08 -2.34
C LEU A 102 8.94 8.62 -1.23
N ASN A 103 10.25 8.43 -1.37
CA ASN A 103 11.21 8.81 -0.35
C ASN A 103 12.01 10.04 -0.75
N MET A 104 11.42 10.91 -1.57
CA MET A 104 12.04 12.18 -1.95
C MET A 104 11.27 13.32 -1.30
N ASP A 105 11.97 14.42 -1.05
CA ASP A 105 11.35 15.65 -0.59
C ASP A 105 11.27 16.65 -1.73
N ALA A 106 10.48 17.70 -1.51
CA ALA A 106 10.54 18.85 -2.39
C ALA A 106 11.96 19.43 -2.34
N PRO A 107 12.47 19.95 -3.47
CA PRO A 107 11.81 20.08 -4.77
C PRO A 107 11.99 18.89 -5.72
N HIS A 108 12.88 17.94 -5.41
CA HIS A 108 13.08 16.80 -6.29
CA HIS A 108 13.08 16.80 -6.31
C HIS A 108 11.80 15.98 -6.43
N HIS A 109 11.06 15.81 -5.33
CA HIS A 109 9.78 15.12 -5.41
C HIS A 109 8.79 15.89 -6.26
N THR A 110 8.77 17.23 -6.11
CA THR A 110 7.82 18.06 -6.82
C THR A 110 7.98 17.93 -8.33
N ARG A 111 9.23 17.96 -8.80
CA ARG A 111 9.48 17.77 -10.23
C ARG A 111 9.06 16.39 -10.68
N LEU A 112 9.38 15.37 -9.90
CA LEU A 112 9.09 14.00 -10.29
C LEU A 112 7.60 13.71 -10.27
N ARG A 113 6.90 14.21 -9.25
CA ARG A 113 5.46 13.98 -9.16
C ARG A 113 4.72 14.63 -10.32
N LYS A 114 5.17 15.81 -10.75
CA LYS A 114 4.47 16.50 -11.83
C LYS A 114 4.63 15.76 -13.14
N ILE A 115 5.82 15.21 -13.40
CA ILE A 115 6.01 14.44 -14.64
C ILE A 115 5.21 13.15 -14.59
N ILE A 116 5.31 12.42 -13.48
CA ILE A 116 4.65 11.13 -13.36
C ILE A 116 3.12 11.28 -13.30
N SER A 117 2.63 12.46 -12.95
CA SER A 117 1.19 12.71 -12.98
C SER A 117 0.61 12.48 -14.37
N ARG A 118 1.42 12.65 -15.42
CA ARG A 118 0.96 12.44 -16.78
C ARG A 118 0.49 11.01 -17.03
N GLY A 119 0.84 10.08 -16.15
CA GLY A 119 0.42 8.70 -16.24
C GLY A 119 -0.78 8.31 -15.42
N PHE A 120 -1.28 9.21 -14.57
CA PHE A 120 -2.41 8.91 -13.69
C PHE A 120 -3.52 9.95 -13.86
N THR A 121 -3.61 10.53 -15.04
CA THR A 121 -4.78 11.33 -15.38
C THR A 121 -6.01 10.44 -15.31
N PRO A 122 -7.18 11.01 -14.98
CA PRO A 122 -8.41 10.21 -15.04
C PRO A 122 -8.60 9.54 -16.40
N ARG A 123 -8.27 10.26 -17.47
CA ARG A 123 -8.38 9.72 -18.82
C ARG A 123 -7.52 8.48 -18.99
N ALA A 124 -6.26 8.54 -18.58
CA ALA A 124 -5.35 7.41 -18.75
C ALA A 124 -5.82 6.21 -17.95
N VAL A 125 -6.35 6.43 -16.75
CA VAL A 125 -6.79 5.32 -15.92
C VAL A 125 -8.07 4.70 -16.49
N GLY A 126 -8.90 5.50 -17.16
CA GLY A 126 -10.13 4.99 -17.72
C GLY A 126 -9.92 4.04 -18.88
N ARG A 127 -8.84 4.24 -19.66
CA ARG A 127 -8.53 3.31 -20.73
C ARG A 127 -8.15 1.93 -20.21
N LEU A 128 -7.84 1.82 -18.93
CA LEU A 128 -7.59 0.54 -18.30
C LEU A 128 -8.89 -0.16 -17.88
N HIS A 129 -10.02 0.55 -17.87
CA HIS A 129 -11.24 -0.01 -17.29
C HIS A 129 -11.67 -1.28 -18.01
N ASP A 130 -11.77 -1.22 -19.34
CA ASP A 130 -12.32 -2.36 -20.07
C ASP A 130 -11.42 -3.58 -19.93
N GLU A 131 -10.12 -3.44 -20.22
CA GLU A 131 -9.21 -4.57 -20.15
C GLU A 131 -9.16 -5.16 -18.74
N LEU A 132 -9.24 -4.31 -17.72
CA LEU A 132 -9.21 -4.81 -16.35
C LEU A 132 -10.53 -5.49 -15.99
N GLN A 133 -11.65 -4.95 -16.47
CA GLN A 133 -12.94 -5.59 -16.23
C GLN A 133 -12.97 -7.00 -16.80
N GLU A 134 -12.56 -7.17 -18.05
CA GLU A 134 -12.58 -8.49 -18.67
C GLU A 134 -11.66 -9.46 -17.95
N ARG A 135 -10.45 -9.02 -17.58
CA ARG A 135 -9.54 -9.88 -16.84
C ARG A 135 -10.13 -10.25 -15.48
N ALA A 136 -10.69 -9.28 -14.77
CA ALA A 136 -11.33 -9.55 -13.49
C ALA A 136 -12.40 -10.63 -13.62
N GLN A 137 -13.23 -10.55 -14.66
CA GLN A 137 -14.29 -11.53 -14.86
C GLN A 137 -13.71 -12.92 -15.09
N ALA A 138 -12.71 -13.03 -15.95
CA ALA A 138 -12.12 -14.33 -16.24
C ALA A 138 -11.37 -14.87 -15.04
N ILE A 139 -10.67 -13.99 -14.29
CA ILE A 139 -10.00 -14.44 -13.08
C ILE A 139 -10.99 -15.08 -12.11
N ALA A 140 -12.16 -14.46 -11.95
CA ALA A 140 -13.18 -15.01 -11.07
C ALA A 140 -13.72 -16.34 -11.61
N ALA A 141 -14.06 -16.38 -12.89
CA ALA A 141 -14.54 -17.62 -13.50
C ALA A 141 -13.49 -18.73 -13.36
N GLU A 142 -12.25 -18.44 -13.72
CA GLU A 142 -11.17 -19.40 -13.53
C GLU A 142 -11.09 -19.86 -12.09
N ALA A 143 -11.31 -18.95 -11.15
CA ALA A 143 -11.23 -19.31 -9.74
C ALA A 143 -12.41 -20.18 -9.34
N ALA A 144 -13.63 -19.78 -9.74
CA ALA A 144 -14.82 -20.56 -9.44
C ALA A 144 -14.73 -21.97 -10.01
N ALA A 145 -14.23 -22.09 -11.25
CA ALA A 145 -14.09 -23.40 -11.87
C ALA A 145 -13.19 -24.32 -11.06
N ALA A 146 -12.20 -23.76 -10.36
CA ALA A 146 -11.34 -24.56 -9.51
C ALA A 146 -12.07 -25.09 -8.28
N GLY A 147 -13.25 -24.57 -7.97
CA GLY A 147 -14.02 -25.06 -6.84
C GLY A 147 -13.56 -24.52 -5.51
N SER A 148 -12.25 -24.46 -5.31
CA SER A 148 -11.67 -24.02 -4.04
C SER A 148 -10.19 -23.73 -4.27
N GLY A 149 -9.54 -23.23 -3.24
CA GLY A 149 -8.10 -23.03 -3.27
C GLY A 149 -7.70 -21.77 -2.51
N ASP A 150 -6.52 -21.27 -2.85
CA ASP A 150 -5.93 -20.11 -2.19
C ASP A 150 -6.52 -18.85 -2.81
N PHE A 151 -7.45 -18.20 -2.07
CA PHE A 151 -8.12 -17.01 -2.58
C PHE A 151 -7.13 -15.91 -2.92
N VAL A 152 -6.05 -15.80 -2.14
CA VAL A 152 -5.04 -14.76 -2.39
C VAL A 152 -4.42 -14.95 -3.76
N GLU A 153 -4.00 -16.19 -4.07
CA GLU A 153 -3.31 -16.44 -5.32
C GLU A 153 -4.27 -16.44 -6.50
N GLN A 154 -5.50 -16.89 -6.31
CA GLN A 154 -6.44 -17.06 -7.41
C GLN A 154 -7.31 -15.84 -7.67
N VAL A 155 -7.56 -14.99 -6.67
CA VAL A 155 -8.47 -13.87 -6.81
C VAL A 155 -7.77 -12.54 -6.57
N SER A 156 -6.92 -12.47 -5.55
CA SER A 156 -6.34 -11.19 -5.15
C SER A 156 -5.10 -10.85 -5.96
N CYS A 157 -4.33 -11.84 -6.39
CA CYS A 157 -2.95 -11.60 -6.82
C CYS A 157 -2.88 -10.91 -8.18
N GLU A 158 -3.57 -11.45 -9.17
CA GLU A 158 -3.22 -11.17 -10.56
C GLU A 158 -3.66 -9.78 -11.02
N LEU A 159 -4.88 -9.38 -10.70
CA LEU A 159 -5.43 -8.16 -11.28
C LEU A 159 -4.65 -6.88 -10.93
N PRO A 160 -4.21 -6.65 -9.67
CA PRO A 160 -3.38 -5.46 -9.43
C PRO A 160 -2.14 -5.41 -10.31
N LEU A 161 -1.55 -6.57 -10.58
CA LEU A 161 -0.39 -6.63 -11.46
C LEU A 161 -0.78 -6.28 -12.89
N GLN A 162 -1.94 -6.74 -13.35
CA GLN A 162 -2.41 -6.39 -14.68
C GLN A 162 -2.63 -4.90 -14.81
N ALA A 163 -3.09 -4.25 -13.74
CA ALA A 163 -3.26 -2.79 -13.76
C ALA A 163 -1.93 -2.10 -13.99
N ILE A 164 -0.89 -2.52 -13.26
CA ILE A 164 0.44 -1.94 -13.45
C ILE A 164 0.92 -2.19 -14.88
N ALA A 165 0.86 -3.46 -15.31
CA ALA A 165 1.35 -3.81 -16.64
C ALA A 165 0.55 -3.12 -17.73
N GLY A 166 -0.79 -3.08 -17.58
CA GLY A 166 -1.61 -2.40 -18.57
C GLY A 166 -1.36 -0.91 -18.60
N LEU A 167 -1.16 -0.30 -17.43
CA LEU A 167 -0.85 1.12 -17.38
C LEU A 167 0.47 1.41 -18.10
N LEU A 168 1.48 0.56 -17.87
CA LEU A 168 2.79 0.72 -18.49
C LEU A 168 2.87 0.13 -19.89
N GLY A 169 1.80 -0.52 -20.37
CA GLY A 169 1.81 -1.10 -21.69
C GLY A 169 2.79 -2.24 -21.88
N VAL A 170 3.11 -2.96 -20.82
CA VAL A 170 4.02 -4.10 -20.88
C VAL A 170 3.44 -5.14 -21.81
N PRO A 171 4.15 -5.52 -22.88
CA PRO A 171 3.64 -6.57 -23.78
C PRO A 171 3.31 -7.84 -23.01
N GLN A 172 2.39 -8.63 -23.57
CA GLN A 172 1.87 -9.80 -22.87
C GLN A 172 2.97 -10.77 -22.49
N GLU A 173 3.84 -11.10 -23.45
CA GLU A 173 4.86 -12.12 -23.22
C GLU A 173 5.82 -11.74 -22.09
N ASP A 174 5.97 -10.44 -21.82
CA ASP A 174 6.89 -9.98 -20.78
C ASP A 174 6.26 -9.96 -19.40
N ARG A 175 4.95 -10.14 -19.29
CA ARG A 175 4.26 -9.92 -18.02
C ARG A 175 4.61 -10.98 -16.99
N GLY A 176 4.92 -12.20 -17.44
CA GLY A 176 5.23 -13.27 -16.50
C GLY A 176 6.43 -12.95 -15.63
N LYS A 177 7.53 -12.54 -16.26
CA LYS A 177 8.73 -12.21 -15.48
C LYS A 177 8.59 -10.88 -14.76
N LEU A 178 7.82 -9.95 -15.33
CA LEU A 178 7.55 -8.69 -14.64
C LEU A 178 6.79 -8.94 -13.34
N PHE A 179 5.85 -9.89 -13.36
CA PHE A 179 5.12 -10.22 -12.13
C PHE A 179 6.02 -10.95 -11.16
N HIS A 180 6.90 -11.82 -11.66
CA HIS A 180 7.87 -12.52 -10.81
C HIS A 180 8.73 -11.53 -10.04
N TRP A 181 9.32 -10.58 -10.75
CA TRP A 181 10.18 -9.59 -10.10
C TRP A 181 9.40 -8.74 -9.12
N SER A 182 8.23 -8.25 -9.54
CA SER A 182 7.43 -7.36 -8.70
C SER A 182 7.05 -8.06 -7.39
N ASN A 183 6.74 -9.35 -7.46
CA ASN A 183 6.31 -10.07 -6.27
C ASN A 183 7.45 -10.41 -5.33
N GLU A 184 8.70 -10.13 -5.72
CA GLU A 184 9.89 -10.50 -4.95
C GLU A 184 10.58 -9.27 -4.36
N MET A 185 9.80 -8.29 -3.91
CA MET A 185 10.35 -7.01 -3.45
C MET A 185 10.18 -6.74 -1.97
N THR A 186 9.13 -7.25 -1.35
CA THR A 186 8.91 -7.10 0.09
C THR A 186 8.56 -8.44 0.69
N GLY A 187 8.31 -8.44 2.00
CA GLY A 187 7.87 -9.62 2.72
C GLY A 187 8.96 -10.59 3.11
N ASN A 188 10.23 -10.25 2.86
CA ASN A 188 11.33 -11.17 3.14
C ASN A 188 11.58 -11.39 4.62
N GLU A 189 10.91 -10.63 5.50
CA GLU A 189 11.03 -10.87 6.94
C GLU A 189 10.17 -12.04 7.40
N ASP A 190 9.28 -12.56 6.53
CA ASP A 190 8.44 -13.71 6.78
C ASP A 190 9.18 -14.99 6.39
N PRO A 191 9.19 -16.02 7.25
CA PRO A 191 9.91 -17.25 6.92
C PRO A 191 9.59 -17.84 5.56
N GLU A 192 8.36 -17.65 5.07
CA GLU A 192 7.99 -18.21 3.77
C GLU A 192 8.79 -17.58 2.63
N TYR A 193 9.34 -16.39 2.83
CA TYR A 193 10.07 -15.69 1.78
C TYR A 193 11.47 -15.31 2.24
N ALA A 194 12.11 -16.17 3.02
CA ALA A 194 13.47 -15.86 3.48
C ALA A 194 14.45 -15.82 2.33
N HIS A 195 14.17 -16.53 1.24
CA HIS A 195 15.14 -16.76 0.17
C HIS A 195 14.99 -15.80 -0.99
N ILE A 196 14.16 -14.78 -0.88
CA ILE A 196 14.02 -13.80 -1.96
C ILE A 196 15.00 -12.66 -1.75
N ASP A 197 15.55 -12.18 -2.85
CA ASP A 197 16.52 -11.09 -2.88
C ASP A 197 15.90 -9.90 -3.60
N PRO A 198 15.33 -8.92 -2.88
CA PRO A 198 14.72 -7.78 -3.58
C PRO A 198 15.69 -7.01 -4.46
N LYS A 199 16.94 -6.82 -4.02
CA LYS A 199 17.89 -6.06 -4.82
C LYS A 199 18.13 -6.72 -6.17
N ALA A 200 18.13 -8.05 -6.21
CA ALA A 200 18.29 -8.76 -7.47
C ALA A 200 17.13 -8.45 -8.41
N SER A 201 15.90 -8.69 -7.94
CA SER A 201 14.73 -8.46 -8.78
C SER A 201 14.61 -7.00 -9.20
N SER A 202 15.01 -6.09 -8.31
CA SER A 202 14.92 -4.66 -8.63
C SER A 202 15.88 -4.28 -9.74
N ALA A 203 17.12 -4.79 -9.67
CA ALA A 203 18.10 -4.51 -10.71
C ALA A 203 17.65 -5.07 -12.05
N GLU A 204 16.93 -6.19 -12.05
CA GLU A 204 16.37 -6.72 -13.28
C GLU A 204 15.16 -5.92 -13.72
N LEU A 205 14.37 -5.45 -12.76
CA LEU A 205 13.23 -4.59 -13.07
C LEU A 205 13.69 -3.29 -13.72
N ILE A 206 14.73 -2.68 -13.15
CA ILE A 206 15.24 -1.42 -13.70
C ILE A 206 15.80 -1.64 -15.09
N GLY A 207 16.53 -2.75 -15.28
CA GLY A 207 17.07 -3.06 -16.59
C GLY A 207 15.98 -3.22 -17.64
N TYR A 208 14.91 -3.93 -17.30
CA TYR A 208 13.79 -4.04 -18.21
C TYR A 208 13.13 -2.69 -18.44
N ALA A 209 12.96 -1.91 -17.37
CA ALA A 209 12.28 -0.63 -17.48
C ALA A 209 13.09 0.35 -18.32
N MET A 210 14.42 0.37 -18.14
CA MET A 210 15.25 1.30 -18.90
C MET A 210 15.34 0.90 -20.37
N LYS A 211 15.47 -0.40 -20.65
CA LYS A 211 15.44 -0.86 -22.04
C LYS A 211 14.13 -0.48 -22.71
N MET A 212 13.01 -0.62 -21.99
CA MET A 212 11.72 -0.20 -22.54
C MET A 212 11.72 1.28 -22.91
N ALA A 213 12.38 2.12 -22.08
CA ALA A 213 12.39 3.56 -22.33
C ALA A 213 13.32 3.94 -23.46
N GLU A 214 14.44 3.23 -23.63
CA GLU A 214 15.26 3.44 -24.82
C GLU A 214 14.48 3.14 -26.08
N GLU A 215 13.75 2.02 -26.08
CA GLU A 215 13.04 1.57 -27.27
C GLU A 215 11.87 2.50 -27.61
N LYS A 216 11.17 3.01 -26.60
CA LYS A 216 10.03 3.86 -26.87
C LYS A 216 10.47 5.23 -27.39
N ALA A 217 11.68 5.68 -27.04
CA ALA A 217 12.22 6.88 -27.64
C ALA A 217 12.38 6.71 -29.15
N LYS A 218 12.98 5.60 -29.55
CA LYS A 218 13.20 5.34 -30.98
C LYS A 218 11.88 5.19 -31.73
N ASN A 219 10.86 4.63 -31.09
CA ASN A 219 9.59 4.33 -31.75
C ASN A 219 8.43 4.91 -30.94
N PRO A 220 8.29 6.24 -30.94
CA PRO A 220 7.25 6.86 -30.11
C PRO A 220 5.85 6.38 -30.48
N ALA A 221 4.97 6.35 -29.48
CA ALA A 221 3.59 5.92 -29.65
C ALA A 221 2.70 6.82 -28.81
N ASP A 222 1.43 6.41 -28.63
CA ASP A 222 0.52 7.07 -27.69
C ASP A 222 0.37 6.24 -26.44
N ASP A 223 1.47 5.80 -25.85
CA ASP A 223 1.39 5.10 -24.58
C ASP A 223 1.62 6.08 -23.43
N ILE A 224 1.52 5.56 -22.22
CA ILE A 224 1.87 6.36 -21.04
C ILE A 224 3.38 6.45 -20.89
N VAL A 225 4.11 5.43 -21.36
CA VAL A 225 5.58 5.44 -21.29
C VAL A 225 6.14 6.58 -22.14
N THR A 226 5.74 6.66 -23.41
CA THR A 226 6.30 7.67 -24.30
C THR A 226 5.94 9.08 -23.89
N GLN A 227 4.77 9.26 -23.24
CA GLN A 227 4.46 10.56 -22.66
C GLN A 227 5.38 10.89 -21.50
N LEU A 228 5.92 9.88 -20.83
CA LEU A 228 6.74 10.09 -19.65
C LEU A 228 8.20 10.39 -19.98
N ILE A 229 8.68 9.97 -21.15
CA ILE A 229 10.10 10.10 -21.49
C ILE A 229 10.38 11.18 -22.53
N GLN A 230 9.35 11.76 -23.14
CA GLN A 230 9.54 12.86 -24.08
C GLN A 230 9.03 14.15 -23.46
N ALA A 231 9.76 15.24 -23.72
CA ALA A 231 9.64 16.44 -22.90
C ALA A 231 8.33 17.19 -23.17
N ASP A 232 7.92 17.97 -22.18
CA ASP A 232 6.66 18.70 -22.21
C ASP A 232 6.92 20.18 -22.46
N ILE A 233 5.98 21.04 -22.04
CA ILE A 233 6.10 22.48 -22.25
C ILE A 233 7.40 22.99 -21.67
N ASP A 234 7.69 22.63 -20.42
CA ASP A 234 8.87 23.10 -19.72
C ASP A 234 10.13 22.34 -20.12
N GLY A 235 10.03 21.39 -21.05
CA GLY A 235 11.17 20.54 -21.35
C GLY A 235 11.47 19.52 -20.28
N GLU A 236 10.44 19.05 -19.58
CA GLU A 236 10.61 18.09 -18.49
C GLU A 236 10.17 16.70 -18.93
N LYS A 237 10.87 15.70 -18.42
CA LYS A 237 10.68 14.31 -18.80
C LYS A 237 11.48 13.44 -17.83
N LEU A 238 11.14 12.16 -17.81
CA LEU A 238 11.94 11.19 -17.08
C LEU A 238 13.10 10.75 -17.95
N SER A 239 14.31 10.83 -17.41
CA SER A 239 15.40 10.12 -18.07
C SER A 239 15.23 8.61 -17.84
N ASP A 240 16.02 7.82 -18.58
CA ASP A 240 15.79 6.39 -18.62
C ASP A 240 15.82 5.77 -17.22
N ASP A 241 16.82 6.13 -16.41
CA ASP A 241 16.91 5.54 -15.08
C ASP A 241 15.80 6.01 -14.17
N GLU A 242 15.32 7.25 -14.36
CA GLU A 242 14.21 7.74 -13.55
C GLU A 242 12.93 6.98 -13.87
N PHE A 243 12.67 6.71 -15.15
CA PHE A 243 11.57 5.82 -15.51
C PHE A 243 11.75 4.45 -14.87
N GLY A 244 13.00 3.97 -14.80
CA GLY A 244 13.26 2.69 -14.19
C GLY A 244 13.04 2.67 -12.70
N PHE A 245 13.27 3.80 -12.03
CA PHE A 245 12.88 3.91 -10.62
C PHE A 245 11.38 4.12 -10.47
N PHE A 246 10.73 4.71 -11.48
CA PHE A 246 9.27 4.79 -11.48
C PHE A 246 8.66 3.40 -11.56
N VAL A 247 9.20 2.53 -12.42
CA VAL A 247 8.65 1.18 -12.55
C VAL A 247 8.91 0.37 -11.29
N VAL A 248 10.10 0.52 -10.70
CA VAL A 248 10.42 -0.20 -9.46
C VAL A 248 9.44 0.21 -8.36
N MET A 249 9.12 1.51 -8.26
CA MET A 249 8.13 1.95 -7.29
C MET A 249 6.76 1.35 -7.56
N LEU A 250 6.30 1.39 -8.83
CA LEU A 250 4.99 0.83 -9.16
C LEU A 250 4.94 -0.65 -8.82
N ALA A 251 6.05 -1.36 -9.02
CA ALA A 251 6.09 -2.79 -8.74
C ALA A 251 5.80 -3.10 -7.27
N VAL A 252 5.94 -2.13 -6.38
CA VAL A 252 5.64 -2.30 -4.96
C VAL A 252 4.37 -1.54 -4.57
N ALA A 253 4.35 -0.22 -4.79
CA ALA A 253 3.28 0.63 -4.29
C ALA A 253 1.89 0.21 -4.77
N GLY A 254 1.78 -0.50 -5.89
CA GLY A 254 0.46 -0.88 -6.38
C GLY A 254 0.27 -2.37 -6.54
N ASN A 255 1.04 -3.16 -5.79
CA ASN A 255 0.98 -4.61 -5.91
C ASN A 255 0.41 -5.24 -4.64
N GLU A 256 1.26 -5.41 -3.62
CA GLU A 256 0.82 -6.03 -2.37
C GLU A 256 -0.20 -5.20 -1.61
N THR A 257 -0.41 -3.93 -2.01
CA THR A 257 -1.41 -3.08 -1.35
C THR A 257 -2.82 -3.42 -1.81
N THR A 258 -3.07 -3.32 -3.12
CA THR A 258 -4.39 -3.68 -3.64
C THR A 258 -4.68 -5.16 -3.42
N ARG A 259 -3.64 -5.99 -3.51
CA ARG A 259 -3.73 -7.41 -3.23
C ARG A 259 -4.39 -7.66 -1.89
N ASN A 260 -3.85 -7.06 -0.83
CA ASN A 260 -4.35 -7.30 0.52
C ASN A 260 -5.66 -6.59 0.81
N SER A 261 -6.00 -5.53 0.07
CA SER A 261 -7.31 -4.92 0.23
C SER A 261 -8.40 -5.84 -0.35
N ILE A 262 -8.08 -6.55 -1.44
CA ILE A 262 -9.02 -7.50 -2.00
C ILE A 262 -9.25 -8.66 -1.03
N THR A 263 -8.17 -9.20 -0.47
CA THR A 263 -8.28 -10.32 0.46
C THR A 263 -9.09 -9.92 1.69
N GLN A 264 -8.62 -8.92 2.43
CA GLN A 264 -9.29 -8.51 3.66
C GLN A 264 -10.70 -8.00 3.39
N GLY A 265 -10.91 -7.40 2.21
CA GLY A 265 -12.26 -7.04 1.83
C GLY A 265 -13.18 -8.24 1.72
N MET A 266 -12.66 -9.35 1.18
CA MET A 266 -13.43 -10.58 1.19
C MET A 266 -13.52 -11.15 2.60
N MET A 267 -12.44 -11.07 3.37
CA MET A 267 -12.47 -11.48 4.77
C MET A 267 -13.55 -10.73 5.53
N ALA A 268 -13.77 -9.46 5.18
CA ALA A 268 -14.80 -8.67 5.85
C ALA A 268 -16.20 -9.08 5.42
N PHE A 269 -16.36 -9.51 4.16
CA PHE A 269 -17.67 -9.96 3.69
C PHE A 269 -18.05 -11.32 4.26
N ALA A 270 -17.05 -12.16 4.58
CA ALA A 270 -17.33 -13.38 5.33
C ALA A 270 -17.85 -13.04 6.72
N GLU A 271 -17.19 -12.10 7.40
CA GLU A 271 -17.54 -11.76 8.77
C GLU A 271 -18.83 -10.97 8.85
N HIS A 272 -19.24 -10.29 7.78
CA HIS A 272 -20.41 -9.43 7.79
C HIS A 272 -21.31 -9.81 6.61
N PRO A 273 -22.10 -10.88 6.77
CA PRO A 273 -22.94 -11.35 5.65
C PRO A 273 -23.95 -10.32 5.20
N ASP A 274 -24.46 -9.51 6.13
CA ASP A 274 -25.37 -8.43 5.78
CA ASP A 274 -25.38 -8.46 5.75
C ASP A 274 -24.78 -7.54 4.69
N GLN A 275 -23.52 -7.14 4.87
CA GLN A 275 -22.86 -6.30 3.89
C GLN A 275 -22.64 -7.04 2.58
N TRP A 276 -22.35 -8.35 2.65
CA TRP A 276 -22.11 -9.12 1.44
C TRP A 276 -23.38 -9.30 0.63
N GLU A 277 -24.50 -9.56 1.31
CA GLU A 277 -25.78 -9.64 0.62
C GLU A 277 -26.13 -8.30 0.00
N LEU A 278 -25.95 -7.22 0.76
CA LEU A 278 -26.16 -5.87 0.22
C LEU A 278 -25.29 -5.62 -1.00
N TYR A 279 -24.00 -5.96 -0.91
CA TYR A 279 -23.11 -5.66 -2.02
C TYR A 279 -23.57 -6.33 -3.30
N LYS A 280 -23.90 -7.61 -3.23
CA LYS A 280 -24.29 -8.33 -4.44
C LYS A 280 -25.52 -7.72 -5.08
N LYS A 281 -26.39 -7.09 -4.28
CA LYS A 281 -27.61 -6.50 -4.82
C LYS A 281 -27.35 -5.17 -5.49
N VAL A 282 -26.65 -4.27 -4.79
CA VAL A 282 -26.48 -2.90 -5.28
C VAL A 282 -25.12 -2.64 -5.91
N ARG A 283 -24.11 -3.48 -5.61
CA ARG A 283 -22.76 -3.30 -6.11
C ARG A 283 -22.26 -1.87 -5.91
N PRO A 284 -22.34 -1.32 -4.71
CA PRO A 284 -22.00 0.10 -4.52
C PRO A 284 -20.50 0.31 -4.56
N GLU A 285 -20.07 1.29 -5.36
CA GLU A 285 -18.65 1.60 -5.49
C GLU A 285 -18.07 2.26 -4.25
N THR A 286 -18.92 2.66 -3.29
CA THR A 286 -18.41 3.10 -2.00
C THR A 286 -17.78 1.95 -1.21
N ALA A 287 -18.01 0.71 -1.64
CA ALA A 287 -17.39 -0.42 -0.96
C ALA A 287 -15.87 -0.32 -1.01
N ALA A 288 -15.32 0.09 -2.15
CA ALA A 288 -13.87 0.14 -2.33
C ALA A 288 -13.21 0.97 -1.23
N ASP A 289 -13.80 2.12 -0.90
CA ASP A 289 -13.22 2.97 0.14
C ASP A 289 -13.39 2.36 1.51
N GLU A 290 -14.55 1.74 1.78
CA GLU A 290 -14.73 1.05 3.04
C GLU A 290 -13.82 -0.17 3.13
N ILE A 291 -13.62 -0.87 2.01
CA ILE A 291 -12.74 -2.02 1.99
C ILE A 291 -11.30 -1.59 2.23
N VAL A 292 -10.91 -0.42 1.69
CA VAL A 292 -9.56 0.09 1.95
C VAL A 292 -9.42 0.55 3.39
N ARG A 293 -10.45 1.25 3.93
CA ARG A 293 -10.40 1.66 5.32
C ARG A 293 -10.31 0.45 6.24
N TRP A 294 -11.03 -0.63 5.90
CA TRP A 294 -11.02 -1.83 6.73
C TRP A 294 -9.69 -2.56 6.62
N ALA A 295 -9.11 -2.61 5.41
CA ALA A 295 -7.92 -3.42 5.18
C ALA A 295 -6.62 -2.70 5.55
N THR A 296 -6.63 -1.35 5.50
CA THR A 296 -5.47 -0.47 5.68
C THR A 296 -4.19 -1.18 5.28
N PRO A 297 -4.03 -1.50 3.99
CA PRO A 297 -2.91 -2.37 3.58
C PRO A 297 -1.55 -1.88 4.05
N VAL A 298 -1.35 -0.57 4.13
CA VAL A 298 -0.14 -0.01 4.71
C VAL A 298 -0.49 0.39 6.15
N THR A 299 -0.04 -0.43 7.10
CA THR A 299 -0.31 -0.12 8.50
C THR A 299 0.29 1.23 8.89
N ALA A 300 1.49 1.53 8.42
CA ALA A 300 2.16 2.74 8.87
C ALA A 300 3.20 3.20 7.85
N PHE A 301 3.43 4.51 7.83
CA PHE A 301 4.57 5.15 7.20
C PHE A 301 5.13 6.18 8.16
N GLN A 302 6.42 6.47 8.03
CA GLN A 302 7.09 7.37 8.95
C GLN A 302 7.56 8.64 8.25
N ARG A 303 7.88 9.63 9.07
CA ARG A 303 8.54 10.85 8.63
C ARG A 303 9.61 11.21 9.66
N THR A 304 10.52 12.10 9.28
CA THR A 304 11.53 12.60 10.20
C THR A 304 11.37 14.12 10.32
N ALA A 305 11.30 14.61 11.56
CA ALA A 305 11.14 16.04 11.78
C ALA A 305 12.45 16.76 11.51
N LEU A 306 12.43 17.70 10.56
CA LEU A 306 13.64 18.43 10.18
C LEU A 306 13.93 19.58 11.13
N ARG A 307 12.95 20.02 11.91
CA ARG A 307 13.16 21.05 12.91
C ARG A 307 12.21 20.75 14.07
N ASP A 308 12.41 21.48 15.17
CA ASP A 308 11.50 21.34 16.30
C ASP A 308 10.08 21.72 15.89
N TYR A 309 9.12 20.92 16.33
CA TYR A 309 7.75 21.07 15.88
C TYR A 309 6.82 20.64 17.01
N GLU A 310 5.80 21.45 17.27
CA GLU A 310 4.82 21.18 18.33
C GLU A 310 3.55 20.68 17.67
N LEU A 311 3.23 19.41 17.92
CA LEU A 311 2.10 18.73 17.30
C LEU A 311 1.13 18.30 18.40
N SER A 312 -0.06 18.90 18.39
CA SER A 312 -1.10 18.62 19.40
C SER A 312 -0.53 18.65 20.81
N GLY A 313 0.25 19.68 21.10
CA GLY A 313 0.80 19.87 22.43
C GLY A 313 1.90 18.91 22.82
N VAL A 314 2.57 18.30 21.85
CA VAL A 314 3.70 17.42 22.11
C VAL A 314 4.91 17.94 21.34
N GLN A 315 6.00 18.19 22.05
CA GLN A 315 7.22 18.72 21.43
C GLN A 315 7.95 17.61 20.71
N ILE A 316 7.98 17.68 19.38
CA ILE A 316 8.73 16.74 18.56
C ILE A 316 10.03 17.42 18.15
N ALA A 317 11.16 16.74 18.40
CA ALA A 317 12.48 17.34 18.26
C ALA A 317 13.07 17.01 16.89
N ALA A 318 13.87 17.94 16.37
CA ALA A 318 14.53 17.76 15.08
C ALA A 318 15.29 16.45 15.04
N GLY A 319 15.03 15.65 13.99
CA GLY A 319 15.66 14.36 13.82
C GLY A 319 14.86 13.18 14.34
N GLN A 320 13.92 13.43 15.24
CA GLN A 320 13.07 12.36 15.75
C GLN A 320 12.13 11.86 14.68
N ARG A 321 11.81 10.57 14.75
CA ARG A 321 10.87 9.96 13.80
C ARG A 321 9.46 9.97 14.36
N VAL A 322 8.50 10.25 13.48
CA VAL A 322 7.08 10.10 13.77
C VAL A 322 6.51 9.05 12.84
N VAL A 323 5.81 8.08 13.39
CA VAL A 323 5.22 6.98 12.63
C VAL A 323 3.71 7.11 12.66
N MET A 324 3.13 7.36 11.48
CA MET A 324 1.69 7.53 11.34
C MET A 324 1.07 6.14 11.20
N PHE A 325 0.25 5.75 12.17
CA PHE A 325 -0.37 4.43 12.15
C PHE A 325 -1.75 4.58 11.52
N TYR A 326 -1.78 4.49 10.19
CA TYR A 326 -3.04 4.58 9.46
C TYR A 326 -4.07 3.57 9.96
N ARG A 327 -3.60 2.42 10.46
CA ARG A 327 -4.51 1.45 11.05
C ARG A 327 -5.25 2.05 12.24
N SER A 328 -4.59 2.90 13.02
CA SER A 328 -5.27 3.58 14.11
C SER A 328 -6.15 4.72 13.60
N ALA A 329 -5.63 5.53 12.67
CA ALA A 329 -6.37 6.70 12.21
C ALA A 329 -7.68 6.29 11.54
N ASN A 330 -7.68 5.19 10.79
CA ASN A 330 -8.89 4.76 10.10
C ASN A 330 -9.96 4.22 11.04
N PHE A 331 -9.67 4.12 12.34
CA PHE A 331 -10.65 3.70 13.33
C PHE A 331 -10.71 4.72 14.46
N ASP A 332 -10.49 5.98 14.12
CA ASP A 332 -10.56 7.09 15.07
C ASP A 332 -12.01 7.41 15.36
N GLU A 333 -12.41 7.29 16.62
CA GLU A 333 -13.80 7.49 16.99
C GLU A 333 -14.24 8.94 16.84
N GLU A 334 -13.30 9.88 16.79
CA GLU A 334 -13.61 11.30 16.60
C GLU A 334 -13.92 11.65 15.16
N VAL A 335 -13.55 10.78 14.21
CA VAL A 335 -13.72 11.06 12.80
C VAL A 335 -14.80 10.22 12.16
N PHE A 336 -15.00 8.99 12.63
CA PHE A 336 -15.98 8.08 12.09
C PHE A 336 -17.07 7.85 13.12
N GLN A 337 -18.32 7.71 12.64
CA GLN A 337 -19.43 7.42 13.53
C GLN A 337 -19.18 6.12 14.28
N ASP A 338 -19.31 5.00 13.57
CA ASP A 338 -19.01 3.70 14.15
C ASP A 338 -17.81 3.11 13.44
N PRO A 339 -16.59 3.42 13.89
CA PRO A 339 -15.39 2.95 13.16
C PRO A 339 -15.35 1.45 12.96
N PHE A 340 -15.83 0.69 13.93
CA PHE A 340 -15.73 -0.76 13.91
C PHE A 340 -16.94 -1.40 13.25
N THR A 341 -17.75 -0.61 12.53
CA THR A 341 -18.83 -1.11 11.70
C THR A 341 -18.35 -1.12 10.25
N PHE A 342 -18.25 -2.32 9.67
CA PHE A 342 -18.06 -2.45 8.23
C PHE A 342 -19.33 -2.00 7.52
N ASN A 343 -19.25 -0.86 6.83
CA ASN A 343 -20.43 -0.25 6.21
C ASN A 343 -20.02 0.20 4.81
N ILE A 344 -20.36 -0.61 3.81
CA ILE A 344 -19.91 -0.40 2.44
C ILE A 344 -20.64 0.78 1.79
N LEU A 345 -21.61 1.36 2.50
CA LEU A 345 -22.28 2.56 2.02
C LEU A 345 -21.71 3.84 2.62
N ARG A 346 -20.77 3.73 3.57
CA ARG A 346 -20.23 4.88 4.27
C ARG A 346 -19.85 6.00 3.30
N ASN A 347 -20.40 7.19 3.53
CA ASN A 347 -20.25 8.30 2.59
C ASN A 347 -20.58 9.60 3.34
N PRO A 348 -19.66 10.59 3.36
CA PRO A 348 -18.30 10.45 2.85
C PRO A 348 -17.45 9.54 3.74
N ASN A 349 -16.24 9.20 3.29
CA ASN A 349 -15.40 8.23 3.98
C ASN A 349 -13.98 8.76 3.97
N PRO A 350 -13.64 9.64 4.92
CA PRO A 350 -12.33 10.33 4.93
C PRO A 350 -11.19 9.50 5.52
N HIS A 351 -11.11 8.23 5.12
CA HIS A 351 -10.05 7.37 5.58
C HIS A 351 -8.71 7.85 5.03
N VAL A 352 -7.63 7.44 5.71
CA VAL A 352 -6.29 7.80 5.30
C VAL A 352 -5.58 6.54 4.81
N GLY A 353 -6.36 5.58 4.30
CA GLY A 353 -5.77 4.38 3.75
C GLY A 353 -4.77 4.66 2.64
N PHE A 354 -5.09 5.63 1.78
CA PHE A 354 -4.17 6.10 0.75
C PHE A 354 -3.20 7.15 1.28
N GLY A 355 -3.07 7.26 2.59
CA GLY A 355 -2.28 8.29 3.23
C GLY A 355 -3.10 9.52 3.55
N GLY A 356 -2.53 10.37 4.39
CA GLY A 356 -3.09 11.70 4.57
C GLY A 356 -2.90 12.54 3.32
N THR A 357 -3.84 13.45 3.09
CA THR A 357 -3.73 14.35 1.94
C THR A 357 -2.47 15.18 2.06
N GLY A 358 -1.87 15.49 0.93
CA GLY A 358 -0.63 16.22 0.89
C GLY A 358 0.20 15.81 -0.30
N ALA A 359 1.48 16.19 -0.25
CA ALA A 359 2.37 16.03 -1.39
C ALA A 359 2.44 14.58 -1.86
N HIS A 360 2.49 13.64 -0.94
CA HIS A 360 2.75 12.24 -1.25
C HIS A 360 1.48 11.39 -1.36
N TYR A 361 0.30 12.00 -1.28
CA TYR A 361 -0.94 11.25 -1.31
C TYR A 361 -0.97 10.32 -2.52
N CYS A 362 -1.39 9.08 -2.29
CA CYS A 362 -1.30 8.01 -3.28
C CYS A 362 -1.78 8.45 -4.65
N ILE A 363 -0.85 8.46 -5.61
CA ILE A 363 -1.21 8.78 -6.98
C ILE A 363 -2.09 7.67 -7.58
N GLY A 364 -2.01 6.45 -7.07
CA GLY A 364 -2.77 5.34 -7.60
C GLY A 364 -4.11 5.09 -6.92
N ALA A 365 -4.60 6.05 -6.15
CA ALA A 365 -5.82 5.85 -5.36
C ALA A 365 -7.00 5.47 -6.24
N ASN A 366 -7.19 6.17 -7.37
CA ASN A 366 -8.36 5.92 -8.19
C ASN A 366 -8.22 4.64 -9.01
N LEU A 367 -7.00 4.32 -9.46
CA LEU A 367 -6.77 3.02 -10.09
C LEU A 367 -7.06 1.90 -9.11
N ALA A 368 -6.58 2.04 -7.88
CA ALA A 368 -6.84 1.05 -6.83
C ALA A 368 -8.33 0.83 -6.63
N ARG A 369 -9.08 1.91 -6.41
CA ARG A 369 -10.52 1.81 -6.23
C ARG A 369 -11.19 1.12 -7.40
N MET A 370 -10.76 1.42 -8.63
CA MET A 370 -11.34 0.76 -9.79
C MET A 370 -11.03 -0.73 -9.78
N THR A 371 -9.78 -1.08 -9.49
CA THR A 371 -9.40 -2.48 -9.43
C THR A 371 -10.24 -3.24 -8.41
N ILE A 372 -10.41 -2.67 -7.22
CA ILE A 372 -11.22 -3.30 -6.17
C ILE A 372 -12.65 -3.50 -6.66
N ASN A 373 -13.22 -2.47 -7.28
CA ASN A 373 -14.62 -2.54 -7.70
C ASN A 373 -14.83 -3.58 -8.79
N LEU A 374 -13.89 -3.68 -9.73
CA LEU A 374 -14.04 -4.66 -10.81
C LEU A 374 -13.93 -6.09 -10.28
N ILE A 375 -12.94 -6.35 -9.42
CA ILE A 375 -12.73 -7.72 -8.95
C ILE A 375 -13.88 -8.17 -8.06
N PHE A 376 -14.44 -7.27 -7.25
CA PHE A 376 -15.50 -7.70 -6.35
C PHE A 376 -16.84 -7.82 -7.07
N ASN A 377 -17.05 -7.06 -8.14
CA ASN A 377 -18.16 -7.35 -9.05
C ASN A 377 -18.01 -8.73 -9.66
N ALA A 378 -16.79 -9.09 -10.07
CA ALA A 378 -16.56 -10.39 -10.68
C ALA A 378 -16.73 -11.52 -9.66
N VAL A 379 -16.30 -11.29 -8.42
CA VAL A 379 -16.52 -12.27 -7.36
C VAL A 379 -18.01 -12.52 -7.17
N ALA A 380 -18.81 -11.46 -7.18
CA ALA A 380 -20.25 -11.61 -7.01
C ALA A 380 -20.88 -12.33 -8.20
N ASP A 381 -20.38 -12.10 -9.40
CA ASP A 381 -20.95 -12.72 -10.59
C ASP A 381 -20.70 -14.22 -10.61
N HIS A 382 -19.53 -14.66 -10.13
CA HIS A 382 -19.09 -16.03 -10.32
C HIS A 382 -19.03 -16.86 -9.04
N MET A 383 -18.94 -16.23 -7.88
CA MET A 383 -18.71 -16.93 -6.62
C MET A 383 -19.56 -16.37 -5.49
N PRO A 384 -20.89 -16.18 -5.68
CA PRO A 384 -21.64 -15.43 -4.66
C PRO A 384 -21.72 -16.13 -3.31
N ASP A 385 -21.70 -17.45 -3.28
CA ASP A 385 -21.77 -18.18 -2.02
C ASP A 385 -20.40 -18.66 -1.56
N LEU A 386 -19.51 -17.69 -1.48
CA LEU A 386 -18.13 -17.90 -1.03
C LEU A 386 -18.12 -18.25 0.46
N LYS A 387 -17.56 -19.41 0.80
CA LYS A 387 -17.37 -19.80 2.19
C LYS A 387 -15.89 -20.07 2.46
N PRO A 388 -15.31 -19.53 3.55
CA PRO A 388 -13.91 -19.84 3.85
C PRO A 388 -13.72 -21.27 4.35
N ILE A 389 -12.56 -21.84 4.02
CA ILE A 389 -12.18 -23.18 4.47
C ILE A 389 -11.50 -23.08 5.83
N SER A 390 -10.32 -22.47 5.86
CA SER A 390 -9.56 -22.30 7.09
C SER A 390 -9.25 -20.81 7.28
N ALA A 391 -8.56 -20.52 8.38
CA ALA A 391 -8.26 -19.15 8.79
C ALA A 391 -7.11 -18.58 7.97
N PRO A 392 -7.14 -17.28 7.66
CA PRO A 392 -6.09 -16.70 6.81
C PRO A 392 -4.73 -16.74 7.49
N GLU A 393 -3.68 -16.74 6.67
CA GLU A 393 -2.30 -16.75 7.15
C GLU A 393 -1.72 -15.36 6.98
N ARG A 394 -1.38 -14.71 8.09
CA ARG A 394 -0.92 -13.34 8.04
C ARG A 394 0.58 -13.29 7.72
N LEU A 395 1.00 -12.12 7.24
CA LEU A 395 2.38 -11.88 6.82
C LEU A 395 3.16 -11.22 7.94
N ARG A 396 4.37 -11.72 8.20
N ARG A 396 4.38 -11.71 8.18
CA ARG A 396 5.25 -11.13 9.20
CA ARG A 396 5.28 -11.13 9.18
C ARG A 396 5.88 -9.87 8.60
C ARG A 396 5.89 -9.86 8.60
N SER A 397 5.38 -8.71 9.00
CA SER A 397 5.87 -7.44 8.49
C SER A 397 5.58 -6.34 9.51
N GLY A 398 6.51 -5.39 9.61
CA GLY A 398 6.40 -4.28 10.53
C GLY A 398 5.60 -3.09 10.06
N TRP A 399 5.15 -3.09 8.81
CA TRP A 399 4.45 -1.94 8.25
C TRP A 399 3.41 -2.35 7.22
N LEU A 400 3.58 -3.54 6.64
CA LEU A 400 2.60 -4.09 5.74
C LEU A 400 1.61 -4.96 6.50
N ASN A 401 0.33 -4.82 6.16
CA ASN A 401 -0.74 -5.64 6.72
C ASN A 401 -1.11 -6.64 5.63
N GLY A 402 -0.41 -7.77 5.62
CA GLY A 402 -0.48 -8.72 4.52
C GLY A 402 -1.16 -10.02 4.89
N ILE A 403 -1.80 -10.64 3.89
CA ILE A 403 -2.36 -11.96 3.99
C ILE A 403 -1.67 -12.82 2.94
N LYS A 404 -0.92 -13.84 3.38
CA LYS A 404 -0.23 -14.69 2.42
C LYS A 404 -1.17 -15.67 1.74
N HIS A 405 -2.03 -16.33 2.51
CA HIS A 405 -2.89 -17.38 1.98
C HIS A 405 -4.24 -17.34 2.67
N TRP A 406 -5.25 -17.89 2.00
CA TRP A 406 -6.59 -17.98 2.58
C TRP A 406 -7.35 -19.07 1.83
N GLN A 407 -7.54 -20.21 2.50
CA GLN A 407 -8.20 -21.37 1.88
C GLN A 407 -9.70 -21.17 1.88
N VAL A 408 -10.32 -21.37 0.73
CA VAL A 408 -11.66 -20.87 0.48
C VAL A 408 -12.36 -21.74 -0.56
N ASP A 409 -13.65 -22.03 -0.30
CA ASP A 409 -14.49 -22.79 -1.23
C ASP A 409 -15.45 -21.83 -1.93
N TYR A 410 -15.37 -21.80 -3.25
CA TYR A 410 -16.16 -20.88 -4.06
C TYR A 410 -17.56 -21.40 -4.37
N THR A 411 -17.86 -22.65 -4.03
CA THR A 411 -19.16 -23.24 -4.28
C THR A 411 -20.06 -23.24 -3.05
N GLY A 412 -19.51 -23.55 -1.88
CA GLY A 412 -20.26 -23.47 -0.65
C GLY A 412 -21.20 -24.64 -0.45
#